data_4C1W
#
_entry.id   4C1W
#
_cell.length_a   42.567
_cell.length_b   44.517
_cell.length_c   42.982
_cell.angle_alpha   90.00
_cell.angle_beta   97.00
_cell.angle_gamma   90.00
#
_symmetry.space_group_name_H-M   'P 1 21 1'
#
loop_
_entity.id
_entity.type
_entity.pdbx_description
1 polymer NEURAMINIDASE
2 branched 'N-acetyl-alpha-neuraminic acid-(2-3)-beta-D-galactopyranose-(1-4)-alpha-D-glucopyranose'
3 non-polymer 2-AMINO-2-HYDROXYMETHYL-PROPANE-1,3-DIOL
4 water water
#
_entity_poly.entity_id   1
_entity_poly.type   'polypeptide(L)'
_entity_poly.pdbx_seq_one_letter_code
;GAMVIEKEDVETNASNGQRVDLSSELDKLKKLENATVHMEFKPDAKAPAFYNLFSVSSATKKDEYFTMAVYNNTATLEGR
GSDGKQFYNNYNDAPLKVKPGQWNSVTFTVEKPTAELPKGRVRLYVNGVLSRTSLRSGNFIKDMPDVTHVQIGATKRANN
TVWGSNLQIRNLTVYNRALTPEEVQKRS
;
_entity_poly.pdbx_strand_id   A
#
# COMPACT_ATOMS: atom_id res chain seq x y z
N GLY A 1 19.02 1.18 -10.65
CA GLY A 1 17.79 0.35 -10.72
C GLY A 1 16.50 1.19 -10.78
N ALA A 2 15.47 0.68 -10.16
CA ALA A 2 14.16 1.26 -10.33
C ALA A 2 13.61 1.96 -9.04
N MET A 3 14.48 2.31 -8.08
CA MET A 3 14.00 2.79 -6.77
C MET A 3 13.70 4.28 -6.80
N VAL A 4 12.44 4.69 -6.60
CA VAL A 4 12.06 6.11 -6.68
C VAL A 4 11.77 6.76 -5.30
N ILE A 5 11.34 5.95 -4.32
CA ILE A 5 11.14 6.38 -2.90
C ILE A 5 11.81 5.35 -1.98
N GLU A 6 12.60 5.81 -1.01
CA GLU A 6 13.15 4.89 -0.02
C GLU A 6 13.12 5.59 1.32
N LYS A 7 12.36 5.05 2.26
CA LYS A 7 12.26 5.68 3.61
C LYS A 7 12.70 4.64 4.64
N GLU A 8 13.68 4.95 5.50
CA GLU A 8 14.14 3.93 6.46
C GLU A 8 14.00 4.36 7.90
N ASP A 9 13.81 3.35 8.73
CA ASP A 9 13.81 3.53 10.20
C ASP A 9 12.96 4.64 10.69
N VAL A 10 11.65 4.53 10.39
CA VAL A 10 10.74 5.53 10.90
C VAL A 10 9.67 4.78 11.71
N GLU A 11 8.78 5.50 12.37
CA GLU A 11 7.76 4.87 13.20
C GLU A 11 6.51 5.75 13.33
N THR A 12 5.39 5.08 13.56
CA THR A 12 4.13 5.74 13.90
C THR A 12 3.87 5.53 15.38
N ASN A 13 3.59 6.62 16.10
CA ASN A 13 3.34 6.51 17.52
C ASN A 13 2.48 7.66 18.00
N ALA A 14 2.14 7.73 19.29
CA ALA A 14 1.20 8.75 19.73
C ALA A 14 1.67 10.17 19.36
N SER A 15 2.98 10.41 19.43
CA SER A 15 3.50 11.74 19.31
C SER A 15 3.42 12.31 17.91
N ASN A 16 3.33 11.45 16.89
CA ASN A 16 3.14 11.93 15.52
C ASN A 16 1.71 11.67 14.96
N GLY A 17 0.71 11.47 15.83
CA GLY A 17 -0.63 11.16 15.36
C GLY A 17 -0.66 9.81 14.62
N GLN A 18 0.22 8.89 15.03
CA GLN A 18 0.35 7.55 14.38
C GLN A 18 0.51 7.64 12.87
N ARG A 19 1.35 8.59 12.43
CA ARG A 19 1.45 8.86 11.01
C ARG A 19 2.83 9.35 10.61
N VAL A 20 3.33 8.85 9.47
CA VAL A 20 4.54 9.43 8.84
C VAL A 20 4.13 10.05 7.52
N ASP A 21 4.22 11.38 7.41
CA ASP A 21 3.75 11.98 6.16
C ASP A 21 4.79 11.89 5.06
N LEU A 22 4.38 11.42 3.88
CA LEU A 22 5.29 11.26 2.73
C LEU A 22 4.72 12.05 1.56
N SER A 23 3.81 12.98 1.84
CA SER A 23 3.06 13.68 0.74
C SER A 23 3.96 14.44 -0.25
N SER A 24 5.17 14.80 0.20
CA SER A 24 6.18 15.45 -0.67
C SER A 24 6.50 14.57 -1.88
N GLU A 25 6.24 13.24 -1.76
CA GLU A 25 6.59 12.30 -2.81
C GLU A 25 5.44 12.00 -3.75
N LEU A 26 4.35 12.75 -3.64
CA LEU A 26 3.12 12.42 -4.39
C LEU A 26 3.40 12.46 -5.91
N ASP A 27 4.13 13.48 -6.37
CA ASP A 27 4.32 13.59 -7.83
C ASP A 27 5.07 12.39 -8.41
N LYS A 28 6.02 11.83 -7.63
CA LYS A 28 6.74 10.62 -8.06
C LYS A 28 5.78 9.46 -8.25
N LEU A 29 4.80 9.34 -7.36
CA LEU A 29 3.79 8.23 -7.42
C LEU A 29 2.82 8.44 -8.56
N LYS A 30 2.43 9.70 -8.79
CA LYS A 30 1.49 10.00 -9.89
C LYS A 30 2.07 9.61 -11.23
N LYS A 31 3.41 9.69 -11.39
CA LYS A 31 4.05 9.41 -12.67
C LYS A 31 4.11 7.92 -12.99
N LEU A 32 4.00 7.05 -11.99
CA LEU A 32 4.21 5.58 -12.17
C LEU A 32 3.12 4.86 -12.99
N GLU A 33 3.51 3.92 -13.85
CA GLU A 33 2.57 3.06 -14.55
C GLU A 33 2.74 1.62 -14.06
N ASN A 34 3.92 1.08 -14.12
CA ASN A 34 4.20 -0.22 -13.45
C ASN A 34 4.92 0.17 -12.15
N ALA A 35 4.61 -0.52 -11.02
CA ALA A 35 5.17 -0.06 -9.74
C ALA A 35 5.24 -1.20 -8.78
N THR A 36 6.11 -1.03 -7.79
CA THR A 36 6.15 -1.90 -6.59
C THR A 36 6.16 -1.03 -5.34
N VAL A 37 5.33 -1.38 -4.34
CA VAL A 37 5.44 -0.76 -2.98
C VAL A 37 5.78 -1.89 -2.01
N HIS A 38 6.94 -1.74 -1.33
CA HIS A 38 7.40 -2.78 -0.42
C HIS A 38 7.62 -2.17 0.98
N MET A 39 7.10 -2.81 2.05
N MET A 39 7.11 -2.84 2.03
CA MET A 39 7.27 -2.26 3.42
CA MET A 39 7.32 -2.35 3.37
C MET A 39 7.64 -3.40 4.36
C MET A 39 7.85 -3.50 4.17
N GLU A 40 8.73 -3.21 5.11
CA GLU A 40 9.10 -4.15 6.16
C GLU A 40 8.79 -3.45 7.48
N PHE A 41 7.92 -4.04 8.30
CA PHE A 41 7.39 -3.32 9.45
C PHE A 41 7.10 -4.28 10.60
N LYS A 42 7.00 -3.71 11.82
CA LYS A 42 6.61 -4.48 13.02
C LYS A 42 5.43 -3.81 13.69
N PRO A 43 4.23 -4.41 13.57
CA PRO A 43 3.05 -3.83 14.27
C PRO A 43 3.18 -4.08 15.78
N ASP A 44 2.72 -3.16 16.63
CA ASP A 44 2.54 -3.49 18.05
C ASP A 44 1.68 -4.77 18.21
N ALA A 45 1.93 -5.68 19.17
N ALA A 45 2.09 -5.46 19.27
CA ALA A 45 1.32 -7.15 19.20
CA ALA A 45 1.30 -6.47 19.89
C ALA A 45 -0.26 -7.54 19.26
C ALA A 45 -0.06 -5.85 20.20
N LYS A 46 -1.02 -6.61 19.76
CA LYS A 46 -2.49 -6.49 19.98
C LYS A 46 -2.97 -5.35 19.14
N ALA A 47 -2.92 -5.60 17.83
CA ALA A 47 -3.14 -4.56 16.81
C ALA A 47 -4.64 -4.20 16.64
N PRO A 48 -4.94 -3.01 16.12
CA PRO A 48 -6.33 -2.74 15.78
C PRO A 48 -6.82 -3.72 14.68
N ALA A 49 -8.14 -3.85 14.55
CA ALA A 49 -8.71 -4.79 13.59
C ALA A 49 -8.40 -4.34 12.18
N PHE A 50 -8.35 -3.02 11.95
CA PHE A 50 -7.98 -2.54 10.62
C PHE A 50 -6.94 -1.43 10.74
N TYR A 51 -5.80 -1.59 10.08
CA TYR A 51 -4.81 -0.50 10.16
C TYR A 51 -4.06 -0.34 8.79
N ASN A 52 -3.71 0.90 8.43
CA ASN A 52 -3.07 1.16 7.16
C ASN A 52 -1.56 1.02 7.28
N LEU A 53 -0.94 0.40 6.28
CA LEU A 53 0.52 0.36 6.15
C LEU A 53 0.97 1.55 5.28
N PHE A 54 0.48 1.64 4.06
CA PHE A 54 0.86 2.71 3.15
C PHE A 54 -0.37 3.17 2.37
N SER A 55 -0.62 4.46 2.32
CA SER A 55 -1.84 4.93 1.64
C SER A 55 -1.53 6.25 0.93
N VAL A 56 -2.36 6.48 -0.07
CA VAL A 56 -2.44 7.79 -0.75
C VAL A 56 -3.88 8.24 -0.73
N SER A 57 -4.13 9.49 -0.36
CA SER A 57 -5.55 9.83 -0.05
C SER A 57 -5.77 11.30 -0.47
N SER A 58 -7.01 11.74 -0.28
CA SER A 58 -7.42 13.04 -0.77
C SER A 58 -8.08 13.92 0.27
N ALA A 59 -7.68 15.19 0.25
CA ALA A 59 -8.23 16.21 1.15
C ALA A 59 -9.69 16.61 0.78
N THR A 60 -10.11 16.34 -0.45
CA THR A 60 -11.42 16.76 -0.91
C THR A 60 -12.38 15.63 -1.28
N LYS A 61 -11.85 14.42 -1.47
CA LYS A 61 -12.66 13.29 -1.88
C LYS A 61 -12.39 12.14 -0.90
N LYS A 62 -13.37 11.95 -0.02
CA LYS A 62 -13.25 11.03 1.10
C LYS A 62 -13.16 9.57 0.66
N ASP A 63 -13.73 9.25 -0.52
CA ASP A 63 -13.69 7.89 -1.00
C ASP A 63 -12.73 7.57 -2.14
N GLU A 64 -11.71 8.41 -2.32
CA GLU A 64 -10.72 8.20 -3.39
C GLU A 64 -9.39 8.02 -2.67
N TYR A 65 -8.84 6.81 -2.73
CA TYR A 65 -7.59 6.52 -2.02
C TYR A 65 -7.03 5.21 -2.49
N PHE A 66 -5.78 4.98 -2.10
CA PHE A 66 -5.10 3.69 -2.28
C PHE A 66 -4.63 3.31 -0.86
N THR A 67 -4.78 2.02 -0.49
CA THR A 67 -4.27 1.57 0.78
C THR A 67 -3.78 0.13 0.66
N MET A 68 -2.60 -0.11 1.18
N MET A 68 -2.58 -0.11 1.16
CA MET A 68 -2.14 -1.43 1.58
CA MET A 68 -2.09 -1.42 1.55
C MET A 68 -2.35 -1.47 3.08
C MET A 68 -2.41 -1.41 3.04
N ALA A 69 -3.17 -2.41 3.53
CA ALA A 69 -3.64 -2.40 4.94
C ALA A 69 -3.54 -3.81 5.54
N VAL A 70 -3.93 -3.91 6.82
CA VAL A 70 -4.03 -5.22 7.50
C VAL A 70 -5.41 -5.24 8.15
N TYR A 71 -6.18 -6.28 7.86
CA TYR A 71 -7.53 -6.44 8.38
C TYR A 71 -7.62 -7.77 9.14
N ASN A 72 -7.82 -7.70 10.47
CA ASN A 72 -7.76 -8.95 11.28
C ASN A 72 -6.56 -9.86 10.91
N ASN A 73 -5.39 -9.23 10.86
CA ASN A 73 -4.10 -9.83 10.45
C ASN A 73 -3.91 -10.16 8.94
N THR A 74 -4.98 -10.15 8.16
CA THR A 74 -4.85 -10.47 6.72
C THR A 74 -4.26 -9.22 6.04
N ALA A 75 -3.19 -9.42 5.26
CA ALA A 75 -2.71 -8.31 4.41
C ALA A 75 -3.72 -8.07 3.28
N THR A 76 -4.14 -6.83 3.12
CA THR A 76 -5.20 -6.49 2.19
C THR A 76 -4.82 -5.17 1.42
N LEU A 77 -5.68 -4.78 0.48
CA LEU A 77 -5.33 -3.83 -0.54
C LEU A 77 -6.64 -3.29 -1.08
N GLU A 78 -6.67 -1.98 -1.38
CA GLU A 78 -7.85 -1.38 -1.92
C GLU A 78 -7.46 -0.11 -2.63
N GLY A 79 -8.05 0.09 -3.80
CA GLY A 79 -7.92 1.37 -4.52
C GLY A 79 -9.28 1.80 -5.07
N ARG A 80 -9.61 3.08 -4.92
CA ARG A 80 -10.90 3.56 -5.35
C ARG A 80 -10.65 4.92 -6.04
N GLY A 81 -11.28 5.14 -7.18
CA GLY A 81 -11.05 6.40 -7.84
C GLY A 81 -12.08 7.47 -7.46
N SER A 82 -12.22 8.45 -8.33
N SER A 82 -12.20 8.44 -8.37
CA SER A 82 -13.04 9.62 -8.00
CA SER A 82 -13.03 9.65 -8.18
C SER A 82 -14.53 9.28 -7.99
C SER A 82 -14.49 9.24 -7.97
N ASP A 83 -14.91 8.17 -8.62
CA ASP A 83 -16.27 7.68 -8.50
C ASP A 83 -16.48 6.71 -7.30
N GLY A 84 -15.44 6.47 -6.51
CA GLY A 84 -15.50 5.54 -5.37
C GLY A 84 -15.50 4.07 -5.81
N LYS A 85 -15.46 3.79 -7.11
CA LYS A 85 -15.52 2.41 -7.55
C LYS A 85 -14.19 1.67 -7.35
N GLN A 86 -14.26 0.36 -7.08
CA GLN A 86 -13.05 -0.47 -6.81
C GLN A 86 -12.15 -0.61 -8.00
N PHE A 87 -10.84 -0.39 -7.81
CA PHE A 87 -9.82 -0.70 -8.81
C PHE A 87 -9.50 -2.20 -8.88
N TYR A 88 -9.49 -2.87 -7.74
CA TYR A 88 -8.99 -4.27 -7.62
C TYR A 88 -10.07 -5.16 -7.11
N ASN A 89 -9.88 -6.48 -7.27
CA ASN A 89 -10.73 -7.42 -6.59
C ASN A 89 -10.51 -7.34 -5.05
N ASN A 90 -11.44 -7.91 -4.30
CA ASN A 90 -11.36 -7.88 -2.85
C ASN A 90 -10.18 -8.67 -2.37
N TYR A 91 -9.44 -8.10 -1.40
CA TYR A 91 -8.26 -8.77 -0.79
C TYR A 91 -8.50 -9.04 0.72
N ASN A 92 -9.66 -8.63 1.24
CA ASN A 92 -9.96 -8.79 2.68
C ASN A 92 -9.99 -10.22 3.13
N ASP A 93 -10.24 -11.11 2.19
CA ASP A 93 -10.18 -12.55 2.55
C ASP A 93 -9.08 -13.29 1.74
N ALA A 94 -8.01 -12.54 1.41
CA ALA A 94 -6.80 -13.11 0.81
C ALA A 94 -6.17 -14.05 1.85
N PRO A 95 -5.39 -15.03 1.39
CA PRO A 95 -5.02 -16.10 2.35
C PRO A 95 -3.92 -15.77 3.36
N LEU A 96 -3.03 -14.84 3.08
CA LEU A 96 -1.81 -14.68 3.90
C LEU A 96 -1.99 -13.59 4.96
N LYS A 97 -1.57 -13.93 6.18
CA LYS A 97 -1.61 -13.01 7.33
C LYS A 97 -0.25 -12.56 7.76
N VAL A 98 -0.17 -11.38 8.37
CA VAL A 98 1.05 -10.96 9.07
C VAL A 98 1.00 -11.44 10.51
N LYS A 99 2.13 -11.46 11.17
CA LYS A 99 2.13 -11.75 12.61
C LYS A 99 2.39 -10.45 13.37
N PRO A 100 1.40 -9.86 14.13
CA PRO A 100 1.82 -8.65 14.87
C PRO A 100 2.78 -9.03 15.99
N GLY A 101 3.51 -8.00 16.37
CA GLY A 101 4.62 -8.05 17.28
C GLY A 101 5.88 -8.64 16.72
N GLN A 102 5.90 -8.90 15.40
CA GLN A 102 7.08 -9.46 14.75
C GLN A 102 7.31 -8.72 13.44
N TRP A 103 8.55 -8.69 12.97
CA TRP A 103 8.90 -8.23 11.60
C TRP A 103 8.18 -9.00 10.51
N ASN A 104 7.53 -8.23 9.63
CA ASN A 104 6.87 -8.81 8.45
C ASN A 104 7.18 -7.94 7.25
N SER A 105 7.06 -8.51 6.06
CA SER A 105 7.03 -7.62 4.89
C SER A 105 5.74 -7.82 4.11
N VAL A 106 5.30 -6.75 3.45
CA VAL A 106 4.17 -6.82 2.50
C VAL A 106 4.63 -6.09 1.22
N THR A 107 4.38 -6.71 0.06
CA THR A 107 4.77 -6.13 -1.21
C THR A 107 3.56 -6.11 -2.13
N PHE A 108 3.29 -4.95 -2.70
CA PHE A 108 2.24 -4.78 -3.76
C PHE A 108 2.96 -4.55 -5.09
N THR A 109 2.45 -5.13 -6.18
CA THR A 109 2.97 -4.79 -7.52
C THR A 109 1.79 -4.49 -8.42
N VAL A 110 2.01 -3.56 -9.33
CA VAL A 110 1.01 -3.19 -10.28
C VAL A 110 1.61 -3.13 -11.68
N GLU A 111 0.93 -3.76 -12.61
CA GLU A 111 1.36 -3.77 -14.00
C GLU A 111 0.22 -3.20 -14.81
N LYS A 112 0.53 -2.14 -15.57
CA LYS A 112 -0.47 -1.51 -16.44
C LYS A 112 -0.94 -2.52 -17.54
N PRO A 113 -2.18 -2.32 -18.08
CA PRO A 113 -2.62 -3.23 -19.11
C PRO A 113 -1.68 -3.21 -20.31
N THR A 114 -1.56 -4.37 -20.98
CA THR A 114 -0.69 -4.55 -22.16
C THR A 114 -1.44 -5.49 -23.06
N ALA A 115 -0.90 -5.82 -24.23
CA ALA A 115 -1.64 -6.68 -25.12
C ALA A 115 -1.91 -8.04 -24.50
N GLU A 116 -0.94 -8.57 -23.75
CA GLU A 116 -1.08 -9.90 -23.10
C GLU A 116 -1.71 -9.84 -21.72
N LEU A 117 -1.70 -8.67 -21.10
CA LEU A 117 -2.36 -8.48 -19.75
C LEU A 117 -3.50 -7.46 -19.97
N PRO A 118 -4.61 -7.88 -20.56
CA PRO A 118 -5.48 -6.86 -21.11
C PRO A 118 -6.13 -6.01 -20.11
N LYS A 119 -6.24 -6.46 -18.85
CA LYS A 119 -6.83 -5.64 -17.76
C LYS A 119 -5.77 -5.31 -16.70
N GLY A 120 -4.51 -5.48 -17.07
CA GLY A 120 -3.46 -5.23 -16.09
C GLY A 120 -3.33 -6.37 -15.12
N ARG A 121 -2.46 -6.17 -14.13
CA ARG A 121 -2.25 -7.21 -13.13
C ARG A 121 -1.77 -6.61 -11.82
N VAL A 122 -2.39 -7.01 -10.70
CA VAL A 122 -1.98 -6.54 -9.37
C VAL A 122 -1.66 -7.77 -8.53
N ARG A 123 -0.59 -7.70 -7.73
CA ARG A 123 -0.26 -8.79 -6.82
C ARG A 123 -0.01 -8.24 -5.42
N LEU A 124 -0.33 -9.03 -4.38
CA LEU A 124 0.08 -8.69 -3.00
C LEU A 124 0.83 -9.91 -2.48
N TYR A 125 2.00 -9.67 -1.91
CA TYR A 125 2.82 -10.73 -1.34
C TYR A 125 2.96 -10.40 0.15
N VAL A 126 3.16 -11.47 0.94
CA VAL A 126 3.35 -11.32 2.38
C VAL A 126 4.59 -12.17 2.75
N ASN A 127 5.63 -11.54 3.33
CA ASN A 127 6.87 -12.27 3.67
C ASN A 127 7.37 -13.11 2.51
N GLY A 128 7.42 -12.45 1.35
CA GLY A 128 8.03 -13.02 0.12
C GLY A 128 7.16 -13.99 -0.67
N VAL A 129 5.91 -14.23 -0.22
CA VAL A 129 5.01 -15.28 -0.75
C VAL A 129 3.78 -14.66 -1.38
N LEU A 130 3.50 -15.06 -2.61
CA LEU A 130 2.31 -14.47 -3.30
C LEU A 130 1.02 -14.86 -2.56
N SER A 131 0.25 -13.83 -2.15
CA SER A 131 -1.03 -14.04 -1.49
C SER A 131 -2.19 -14.11 -2.49
N ARG A 132 -2.32 -13.11 -3.36
CA ARG A 132 -3.41 -13.14 -4.34
C ARG A 132 -3.04 -12.24 -5.52
N THR A 133 -3.40 -12.67 -6.73
CA THR A 133 -3.30 -11.85 -7.95
C THR A 133 -4.70 -11.38 -8.33
N SER A 134 -4.82 -10.16 -8.85
CA SER A 134 -6.11 -9.54 -9.18
C SER A 134 -5.96 -8.95 -10.60
N LEU A 135 -6.86 -9.35 -11.49
CA LEU A 135 -6.79 -9.00 -12.88
C LEU A 135 -7.99 -8.17 -13.34
N ARG A 136 -8.46 -7.32 -12.45
N ARG A 136 -8.48 -7.33 -12.45
CA ARG A 136 -9.56 -6.38 -12.69
CA ARG A 136 -9.59 -6.37 -12.72
C ARG A 136 -9.05 -5.12 -13.40
C ARG A 136 -9.06 -5.11 -13.41
N SER A 137 -7.95 -4.55 -12.91
CA SER A 137 -7.37 -3.37 -13.49
C SER A 137 -5.92 -3.28 -13.11
N GLY A 138 -5.20 -2.44 -13.81
CA GLY A 138 -3.85 -2.06 -13.31
C GLY A 138 -3.81 -0.60 -12.96
N ASN A 139 -4.90 -0.12 -12.39
CA ASN A 139 -5.00 1.29 -11.97
C ASN A 139 -4.14 1.53 -10.73
N PHE A 140 -3.73 2.78 -10.56
CA PHE A 140 -2.86 3.17 -9.45
C PHE A 140 -2.98 4.66 -9.26
N ILE A 141 -1.91 5.34 -8.82
CA ILE A 141 -2.13 6.71 -8.34
C ILE A 141 -2.42 7.63 -9.51
N LYS A 142 -1.83 7.33 -10.67
CA LYS A 142 -2.11 8.12 -11.91
C LYS A 142 -3.60 8.25 -12.20
N ASP A 143 -4.38 7.29 -11.70
CA ASP A 143 -5.81 7.23 -11.91
C ASP A 143 -6.64 7.88 -10.82
N MET A 144 -6.00 8.69 -10.01
CA MET A 144 -6.67 9.29 -8.87
C MET A 144 -6.39 10.79 -8.89
N PRO A 145 -7.23 11.55 -9.62
CA PRO A 145 -6.94 12.96 -9.88
C PRO A 145 -6.98 13.91 -8.71
N ASP A 146 -7.58 13.52 -7.58
CA ASP A 146 -7.80 14.42 -6.45
C ASP A 146 -6.94 14.13 -5.25
N VAL A 147 -5.99 13.18 -5.36
CA VAL A 147 -5.15 12.87 -4.22
C VAL A 147 -4.21 14.00 -3.81
N THR A 148 -3.94 14.09 -2.52
CA THR A 148 -3.16 15.18 -1.97
C THR A 148 -2.15 14.72 -0.93
N HIS A 149 -2.35 13.50 -0.37
CA HIS A 149 -1.61 13.05 0.79
C HIS A 149 -1.08 11.67 0.60
N VAL A 150 0.11 11.45 1.13
CA VAL A 150 0.74 10.06 1.12
C VAL A 150 1.18 9.78 2.53
N GLN A 151 0.95 8.59 3.08
CA GLN A 151 1.35 8.37 4.47
C GLN A 151 1.55 6.92 4.80
N ILE A 152 2.39 6.69 5.79
CA ILE A 152 2.40 5.42 6.53
C ILE A 152 1.52 5.72 7.77
N GLY A 153 0.62 4.78 8.07
CA GLY A 153 -0.17 4.93 9.29
C GLY A 153 -1.49 5.67 9.05
N ALA A 154 -1.87 6.46 10.05
CA ALA A 154 -3.18 7.16 10.07
C ALA A 154 -3.30 7.94 8.72
N THR A 155 -4.51 7.85 8.11
CA THR A 155 -4.73 8.29 6.72
C THR A 155 -5.77 9.39 6.69
N LYS A 156 -5.42 10.54 6.13
CA LYS A 156 -6.39 11.65 6.09
C LYS A 156 -7.34 11.45 4.90
N ARG A 157 -8.62 11.22 5.14
CA ARG A 157 -9.59 11.17 4.03
C ARG A 157 -10.53 12.36 4.25
N ALA A 158 -10.33 13.38 3.45
CA ALA A 158 -11.05 14.68 3.66
C ALA A 158 -10.83 15.11 5.09
N ASN A 159 -11.91 15.33 5.82
CA ASN A 159 -11.84 15.88 7.18
C ASN A 159 -11.75 14.86 8.32
N ASN A 160 -11.54 13.59 7.94
CA ASN A 160 -11.41 12.53 8.91
C ASN A 160 -10.06 11.83 8.74
N THR A 161 -9.59 11.26 9.81
CA THR A 161 -8.30 10.61 9.78
C THR A 161 -8.62 9.24 10.38
N VAL A 162 -8.19 8.17 9.70
CA VAL A 162 -8.55 6.82 10.15
C VAL A 162 -7.38 5.88 9.97
N TRP A 163 -7.47 4.64 10.52
CA TRP A 163 -6.55 3.53 10.24
C TRP A 163 -5.20 3.67 10.84
N GLY A 164 -5.08 4.53 11.86
CA GLY A 164 -3.82 4.68 12.66
C GLY A 164 -3.48 3.45 13.49
N SER A 165 -2.19 3.18 13.66
CA SER A 165 -1.72 2.15 14.58
C SER A 165 -0.28 2.51 14.90
N ASN A 166 0.35 1.81 15.85
CA ASN A 166 1.75 2.01 16.13
C ASN A 166 2.55 0.96 15.36
N LEU A 167 3.54 1.41 14.60
CA LEU A 167 4.32 0.56 13.65
C LEU A 167 5.76 0.99 13.76
N GLN A 168 6.70 0.04 13.78
CA GLN A 168 8.09 0.39 13.45
C GLN A 168 8.30 -0.01 12.01
N ILE A 169 8.91 0.91 11.24
CA ILE A 169 9.10 0.69 9.77
C ILE A 169 10.58 0.64 9.45
N ARG A 170 11.12 -0.54 9.10
CA ARG A 170 12.56 -0.64 8.79
C ARG A 170 12.76 0.00 7.43
N ASN A 171 11.85 -0.32 6.49
CA ASN A 171 11.85 0.44 5.26
C ASN A 171 10.53 0.41 4.49
N LEU A 172 10.32 1.52 3.79
N LEU A 172 10.35 1.47 3.69
CA LEU A 172 9.36 1.65 2.74
CA LEU A 172 9.27 1.68 2.75
C LEU A 172 10.18 1.91 1.48
C LEU A 172 9.93 2.06 1.42
N THR A 173 9.90 1.15 0.43
CA THR A 173 10.59 1.33 -0.86
C THR A 173 9.58 1.27 -1.96
N VAL A 174 9.62 2.26 -2.87
CA VAL A 174 8.73 2.24 -4.01
C VAL A 174 9.63 2.12 -5.26
N TYR A 175 9.27 1.20 -6.17
CA TYR A 175 10.01 1.04 -7.41
C TYR A 175 9.13 1.46 -8.57
N ASN A 176 9.77 1.87 -9.66
CA ASN A 176 9.04 2.25 -10.89
C ASN A 176 8.85 1.11 -11.91
N ARG A 177 8.96 -0.12 -11.43
CA ARG A 177 8.60 -1.30 -12.21
C ARG A 177 8.00 -2.31 -11.26
N ALA A 178 7.33 -3.33 -11.81
CA ALA A 178 6.75 -4.38 -10.97
C ALA A 178 7.79 -5.46 -10.78
N LEU A 179 8.27 -5.64 -9.55
CA LEU A 179 9.20 -6.76 -9.27
C LEU A 179 8.50 -8.08 -9.54
N THR A 180 9.25 -9.04 -10.04
CA THR A 180 8.72 -10.38 -10.31
C THR A 180 8.64 -11.13 -8.99
N PRO A 181 7.82 -12.23 -8.95
CA PRO A 181 7.81 -13.06 -7.76
C PRO A 181 9.23 -13.47 -7.32
N GLU A 182 10.12 -13.76 -8.28
CA GLU A 182 11.50 -14.18 -7.92
C GLU A 182 12.20 -13.03 -7.23
N GLU A 183 11.97 -11.83 -7.73
CA GLU A 183 12.61 -10.65 -7.13
C GLU A 183 12.03 -10.35 -5.74
N VAL A 184 10.69 -10.51 -5.59
CA VAL A 184 10.10 -10.33 -4.26
C VAL A 184 10.72 -11.36 -3.27
N GLN A 185 10.97 -12.60 -3.75
CA GLN A 185 11.54 -13.63 -2.85
C GLN A 185 12.91 -13.27 -2.26
N LYS A 186 13.71 -12.57 -3.07
CA LYS A 186 15.11 -12.28 -2.76
C LYS A 186 15.34 -10.86 -2.28
N ARG A 187 14.51 -9.92 -2.72
CA ARG A 187 14.71 -8.48 -2.46
C ARG A 187 13.84 -7.93 -1.33
N SER A 188 13.17 -8.79 -0.55
CA SER A 188 12.24 -8.33 0.47
C SER A 188 13.01 -7.86 1.71
#